data_1KKV
#
_entry.id   1KKV
#
_entity_poly.entity_id   1
_entity_poly.type   'polydeoxyribonucleotide'
_entity_poly.pdbx_seq_one_letter_code
;(DC)(DC)(DA)(DC)(DG)(DC)(DG)(DT)(DG)(DG)
;
_entity_poly.pdbx_strand_id   A,B
#